data_5V8Q
#
_entry.id   5V8Q
#
_cell.length_a   54.747
_cell.length_b   65.557
_cell.length_c   70.941
_cell.angle_alpha   90.000
_cell.angle_beta   90.000
_cell.angle_gamma   90.000
#
_symmetry.space_group_name_H-M   'P 21 21 21'
#
loop_
_entity.id
_entity.type
_entity.pdbx_description
1 polymer 'Androgen receptor'
2 non-polymer GLYCEROL
3 non-polymer 4-[(2S,3S)-2-ethyl-3-hydroxy-5-oxopyrrolidin-1-yl]-2-(trifluoromethyl)benzonitrile
4 water water
#
_entity_poly.entity_id   1
_entity_poly.type   'polypeptide(L)'
_entity_poly.pdbx_seq_one_letter_code
;PIFLNVLEAIEPGVVCAGHDNNQPDSFAALLSSLNELGERQLVHVVKWAKALPGFRNLHVDDQMAVIQYSWMGLMVFAMG
WRSFTNVNSRMLYFAPDLVFNEYRMHKSRMYSQCVRMRHLSQEFGWLQITPQEFLCMKALLLFSIIPVDGLKNQKFFDEL
RMNYIKELDRIIACARKNPTSCSRRFYQLTKLLDSVQPIARELHQFTFDLLIKSHMVSVDFPEMMAEIISVQVPKILSGK
VKPIYFHTQ
;
_entity_poly.pdbx_strand_id   A
#
loop_
_chem_comp.id
_chem_comp.type
_chem_comp.name
_chem_comp.formula
97A non-polymer 4-[(2S,3S)-2-ethyl-3-hydroxy-5-oxopyrrolidin-1-yl]-2-(trifluoromethyl)benzonitrile 'C14 H13 F3 N2 O2'
GOL non-polymer GLYCEROL 'C3 H8 O3'
#
# COMPACT_ATOMS: atom_id res chain seq x y z
N PRO A 1 -4.82 -11.22 23.02
CA PRO A 1 -4.54 -10.21 22.00
C PRO A 1 -3.24 -10.47 21.22
N ILE A 2 -2.94 -11.74 20.98
CA ILE A 2 -1.67 -12.14 20.36
C ILE A 2 -1.51 -11.50 18.97
N PHE A 3 -2.55 -11.60 18.13
CA PHE A 3 -2.44 -11.11 16.76
C PHE A 3 -2.14 -9.62 16.69
N LEU A 4 -2.89 -8.80 17.42
CA LEU A 4 -2.63 -7.36 17.43
C LEU A 4 -1.28 -7.03 18.08
N ASN A 5 -0.88 -7.80 19.09
CA ASN A 5 0.45 -7.63 19.68
C ASN A 5 1.53 -7.74 18.61
N VAL A 6 1.41 -8.76 17.77
CA VAL A 6 2.40 -8.98 16.73
C VAL A 6 2.37 -7.84 15.72
N LEU A 7 1.19 -7.46 15.24
CA LEU A 7 1.13 -6.41 14.23
C LEU A 7 1.72 -5.10 14.73
N GLU A 8 1.44 -4.75 15.99
CA GLU A 8 2.01 -3.53 16.56
CA GLU A 8 2.01 -3.54 16.57
C GLU A 8 3.53 -3.65 16.65
N ALA A 9 4.01 -4.81 17.08
CA ALA A 9 5.43 -5.03 17.27
C ALA A 9 6.26 -4.93 15.99
N ILE A 10 5.70 -5.40 14.87
CA ILE A 10 6.44 -5.43 13.59
C ILE A 10 6.25 -4.20 12.72
N GLU A 11 5.37 -3.28 13.13
CA GLU A 11 5.04 -2.13 12.30
C GLU A 11 6.27 -1.28 12.04
N PRO A 12 6.59 -1.00 10.75
CA PRO A 12 7.79 -0.21 10.48
C PRO A 12 7.76 1.17 11.11
N GLY A 13 8.94 1.66 11.47
CA GLY A 13 9.10 3.02 11.96
C GLY A 13 9.25 4.00 10.83
N VAL A 14 9.82 5.15 11.15
CA VAL A 14 9.95 6.25 10.20
C VAL A 14 10.98 5.92 9.11
N VAL A 15 10.63 6.24 7.86
CA VAL A 15 11.52 6.06 6.72
C VAL A 15 11.65 7.39 5.99
N CYS A 16 12.87 7.92 5.90
CA CYS A 16 13.10 9.17 5.19
C CYS A 16 13.44 8.92 3.72
N ALA A 17 13.15 9.92 2.88
CA ALA A 17 13.41 9.85 1.45
C ALA A 17 14.82 10.30 1.05
N GLY A 18 15.41 11.18 1.85
CA GLY A 18 16.70 11.80 1.54
C GLY A 18 16.63 13.01 0.62
N HIS A 19 15.44 13.59 0.49
CA HIS A 19 15.20 14.70 -0.42
C HIS A 19 15.84 16.00 0.07
N ASP A 20 16.35 16.79 -0.87
CA ASP A 20 16.89 18.11 -0.56
C ASP A 20 15.76 19.13 -0.64
N ASN A 21 15.24 19.51 0.53
CA ASN A 21 14.17 20.50 0.62
C ASN A 21 14.63 21.96 0.53
N ASN A 22 15.94 22.16 0.36
CA ASN A 22 16.48 23.50 0.18
C ASN A 22 16.62 23.89 -1.30
N GLN A 23 16.35 22.96 -2.21
CA GLN A 23 16.42 23.21 -3.65
C GLN A 23 15.01 23.55 -4.17
N PRO A 24 14.92 24.36 -5.24
CA PRO A 24 13.58 24.57 -5.84
C PRO A 24 12.96 23.25 -6.32
N ASP A 25 11.63 23.13 -6.20
CA ASP A 25 10.93 21.93 -6.65
C ASP A 25 11.07 21.76 -8.16
N SER A 26 11.40 20.54 -8.59
CA SER A 26 11.39 20.16 -10.00
C SER A 26 10.85 18.75 -10.13
N PHE A 27 10.35 18.43 -11.31
CA PHE A 27 9.86 17.09 -11.60
C PHE A 27 10.94 16.03 -11.33
N ALA A 28 12.12 16.24 -11.90
CA ALA A 28 13.18 15.24 -11.81
C ALA A 28 13.60 14.97 -10.36
N ALA A 29 13.73 16.03 -9.58
CA ALA A 29 14.18 15.88 -8.20
C ALA A 29 13.10 15.24 -7.33
N LEU A 30 11.85 15.66 -7.50
CA LEU A 30 10.75 15.07 -6.74
C LEU A 30 10.60 13.58 -7.04
N LEU A 31 10.62 13.21 -8.32
CA LEU A 31 10.40 11.82 -8.67
C LEU A 31 11.61 10.94 -8.35
N SER A 32 12.82 11.49 -8.49
CA SER A 32 14.01 10.75 -8.06
C SER A 32 13.94 10.45 -6.55
N SER A 33 13.48 11.41 -5.75
CA SER A 33 13.30 11.16 -4.31
C SER A 33 12.18 10.17 -4.00
N LEU A 34 11.04 10.26 -4.70
CA LEU A 34 10.00 9.25 -4.55
C LEU A 34 10.52 7.85 -4.89
N ASN A 35 11.33 7.74 -5.93
CA ASN A 35 11.88 6.43 -6.29
C ASN A 35 12.82 5.88 -5.22
N GLU A 36 13.67 6.74 -4.67
CA GLU A 36 14.55 6.35 -3.58
C GLU A 36 13.74 5.93 -2.36
N LEU A 37 12.70 6.69 -2.05
CA LEU A 37 11.80 6.33 -0.96
C LEU A 37 11.13 4.97 -1.20
N GLY A 38 10.73 4.73 -2.45
CA GLY A 38 10.13 3.46 -2.81
C GLY A 38 11.07 2.27 -2.57
N GLU A 39 12.35 2.44 -2.91
CA GLU A 39 13.37 1.42 -2.65
C GLU A 39 13.53 1.18 -1.15
N ARG A 40 13.61 2.26 -0.39
CA ARG A 40 13.74 2.15 1.08
C ARG A 40 12.52 1.51 1.71
N GLN A 41 11.33 1.93 1.28
CA GLN A 41 10.11 1.32 1.79
C GLN A 41 9.99 -0.16 1.41
N LEU A 42 10.41 -0.52 0.20
CA LEU A 42 10.37 -1.93 -0.21
C LEU A 42 11.16 -2.81 0.76
N VAL A 43 12.34 -2.35 1.17
CA VAL A 43 13.18 -3.10 2.11
C VAL A 43 12.41 -3.33 3.42
N HIS A 44 11.78 -2.27 3.94
CA HIS A 44 10.98 -2.37 5.16
C HIS A 44 9.74 -3.25 5.00
N VAL A 45 9.06 -3.13 3.86
CA VAL A 45 7.87 -3.95 3.61
C VAL A 45 8.22 -5.43 3.55
N VAL A 46 9.36 -5.79 2.95
CA VAL A 46 9.78 -7.19 2.89
C VAL A 46 10.01 -7.73 4.31
N LYS A 47 10.73 -6.97 5.14
CA LYS A 47 11.01 -7.42 6.51
C LYS A 47 9.74 -7.54 7.34
N TRP A 48 8.84 -6.59 7.17
CA TRP A 48 7.54 -6.61 7.82
C TRP A 48 6.73 -7.85 7.42
N ALA A 49 6.60 -8.06 6.12
CA ALA A 49 5.77 -9.15 5.62
C ALA A 49 6.26 -10.49 6.10
N LYS A 50 7.57 -10.68 6.06
CA LYS A 50 8.16 -11.95 6.47
C LYS A 50 7.97 -12.26 7.95
N ALA A 51 7.64 -11.24 8.75
CA ALA A 51 7.40 -11.40 10.18
C ALA A 51 5.92 -11.54 10.55
N LEU A 52 5.03 -11.52 9.56
CA LEU A 52 3.59 -11.64 9.82
C LEU A 52 3.21 -13.05 10.27
N PRO A 53 2.22 -13.17 11.17
CA PRO A 53 1.75 -14.50 11.53
C PRO A 53 1.39 -15.37 10.31
N GLY A 54 1.97 -16.56 10.27
CA GLY A 54 1.67 -17.51 9.20
C GLY A 54 2.32 -17.26 7.86
N PHE A 55 3.08 -16.17 7.68
CA PHE A 55 3.65 -15.89 6.36
C PHE A 55 4.51 -17.04 5.82
N ARG A 56 5.28 -17.69 6.70
CA ARG A 56 6.13 -18.83 6.30
C ARG A 56 5.33 -20.07 5.87
N ASN A 57 4.01 -20.04 6.05
CA ASN A 57 3.16 -21.10 5.48
C ASN A 57 3.19 -21.06 3.95
N LEU A 58 3.44 -19.89 3.36
CA LEU A 58 3.50 -19.77 1.91
C LEU A 58 4.73 -20.46 1.33
N HIS A 59 4.57 -21.02 0.13
CA HIS A 59 5.71 -21.53 -0.63
C HIS A 59 6.71 -20.40 -0.86
N VAL A 60 8.01 -20.72 -0.90
CA VAL A 60 9.08 -19.70 -0.90
C VAL A 60 9.02 -18.67 -2.05
N ASP A 61 8.75 -19.13 -3.27
CA ASP A 61 8.62 -18.21 -4.41
C ASP A 61 7.34 -17.39 -4.37
N ASP A 62 6.28 -17.98 -3.81
CA ASP A 62 5.06 -17.22 -3.59
C ASP A 62 5.31 -16.07 -2.62
N GLN A 63 6.22 -16.25 -1.66
CA GLN A 63 6.47 -15.22 -0.66
C GLN A 63 6.90 -13.91 -1.28
N MET A 64 7.96 -13.94 -2.07
CA MET A 64 8.44 -12.71 -2.68
C MET A 64 7.46 -12.16 -3.70
N ALA A 65 6.80 -13.05 -4.44
CA ALA A 65 5.83 -12.60 -5.45
C ALA A 65 4.68 -11.81 -4.81
N VAL A 66 4.09 -12.34 -3.74
CA VAL A 66 2.99 -11.70 -3.04
CA VAL A 66 2.96 -11.64 -3.11
C VAL A 66 3.41 -10.29 -2.55
N ILE A 67 4.61 -10.22 -1.98
CA ILE A 67 5.13 -8.94 -1.50
C ILE A 67 5.28 -7.97 -2.68
N GLN A 68 5.87 -8.45 -3.77
CA GLN A 68 6.13 -7.56 -4.90
C GLN A 68 4.84 -7.05 -5.54
N TYR A 69 3.85 -7.93 -5.68
CA TYR A 69 2.57 -7.51 -6.28
C TYR A 69 1.83 -6.50 -5.39
N SER A 70 1.92 -6.69 -4.07
CA SER A 70 1.17 -5.84 -3.13
C SER A 70 1.91 -4.59 -2.69
N TRP A 71 3.20 -4.51 -3.01
CA TRP A 71 4.06 -3.43 -2.53
C TRP A 71 3.49 -2.03 -2.74
N MET A 72 3.05 -1.70 -3.94
CA MET A 72 2.55 -0.36 -4.21
C MET A 72 1.31 -0.03 -3.35
N GLY A 73 0.36 -0.97 -3.30
CA GLY A 73 -0.83 -0.81 -2.47
C GLY A 73 -0.51 -0.66 -1.00
N LEU A 74 0.43 -1.47 -0.50
CA LEU A 74 0.85 -1.37 0.89
C LEU A 74 1.45 -0.01 1.18
N MET A 75 2.27 0.49 0.26
CA MET A 75 2.90 1.79 0.46
C MET A 75 1.86 2.90 0.47
N VAL A 76 0.91 2.83 -0.46
CA VAL A 76 -0.09 3.90 -0.58
C VAL A 76 -0.99 3.94 0.65
N PHE A 77 -1.38 2.77 1.14
CA PHE A 77 -2.26 2.69 2.28
C PHE A 77 -1.57 3.25 3.53
N ALA A 78 -0.32 2.83 3.75
CA ALA A 78 0.44 3.36 4.88
C ALA A 78 0.71 4.87 4.75
N MET A 79 0.95 5.34 3.51
CA MET A 79 1.20 6.77 3.32
C MET A 79 -0.06 7.57 3.63
N GLY A 80 -1.23 7.06 3.21
CA GLY A 80 -2.47 7.72 3.56
C GLY A 80 -2.69 7.82 5.05
N TRP A 81 -2.31 6.77 5.78
CA TRP A 81 -2.43 6.78 7.23
C TRP A 81 -1.47 7.81 7.87
N ARG A 82 -0.22 7.82 7.43
CA ARG A 82 0.75 8.84 7.86
C ARG A 82 0.22 10.25 7.62
N SER A 83 -0.41 10.44 6.46
CA SER A 83 -0.94 11.75 6.10
C SER A 83 -2.08 12.15 7.03
N PHE A 84 -2.93 11.19 7.34
CA PHE A 84 -4.02 11.39 8.29
C PHE A 84 -3.50 11.74 9.68
N THR A 85 -2.53 10.97 10.19
CA THR A 85 -2.10 11.17 11.57
C THR A 85 -1.17 12.37 11.76
N ASN A 86 -0.42 12.77 10.71
CA ASN A 86 0.60 13.81 10.84
CA ASN A 86 0.60 13.81 10.83
C ASN A 86 0.16 15.19 10.36
N VAL A 87 -0.63 15.23 9.29
CA VAL A 87 -1.05 16.50 8.69
C VAL A 87 -2.56 16.57 8.41
N ASN A 88 -3.34 15.77 9.13
CA ASN A 88 -4.82 15.77 9.01
C ASN A 88 -5.31 15.63 7.56
N SER A 89 -4.58 14.84 6.78
CA SER A 89 -4.89 14.54 5.38
C SER A 89 -4.84 15.74 4.43
N ARG A 90 -4.28 16.86 4.86
CA ARG A 90 -4.28 18.09 4.05
C ARG A 90 -3.18 18.05 2.99
N MET A 91 -2.12 17.30 3.28
CA MET A 91 -0.99 17.12 2.39
C MET A 91 -0.62 15.65 2.39
N LEU A 92 0.22 15.22 1.45
CA LEU A 92 0.64 13.83 1.36
C LEU A 92 2.00 13.66 2.03
N TYR A 93 1.99 12.92 3.13
CA TYR A 93 3.18 12.73 3.96
C TYR A 93 3.92 11.47 3.49
N PHE A 94 4.60 11.57 2.36
CA PHE A 94 5.37 10.45 1.85
C PHE A 94 6.47 10.05 2.84
N ALA A 95 7.13 11.06 3.40
CA ALA A 95 8.17 10.88 4.42
C ALA A 95 8.30 12.20 5.18
N PRO A 96 8.96 12.20 6.35
CA PRO A 96 9.11 13.47 7.08
C PRO A 96 9.80 14.55 6.26
N ASP A 97 10.70 14.13 5.37
CA ASP A 97 11.44 15.02 4.50
C ASP A 97 10.91 15.03 3.06
N LEU A 98 9.71 14.51 2.84
CA LEU A 98 9.08 14.56 1.51
C LEU A 98 7.58 14.66 1.70
N VAL A 99 7.13 15.87 2.00
CA VAL A 99 5.70 16.14 2.19
C VAL A 99 5.22 16.95 1.00
N PHE A 100 4.19 16.45 0.32
CA PHE A 100 3.64 17.13 -0.85
C PHE A 100 2.52 18.07 -0.46
N ASN A 101 2.75 19.36 -0.69
CA ASN A 101 1.70 20.36 -0.76
C ASN A 101 1.12 20.39 -2.17
N GLU A 102 0.15 21.26 -2.43
CA GLU A 102 -0.49 21.34 -3.75
C GLU A 102 0.49 21.70 -4.86
N TYR A 103 1.47 22.55 -4.56
CA TYR A 103 2.47 22.92 -5.55
C TYR A 103 3.24 21.68 -5.99
N ARG A 104 3.63 20.84 -5.03
CA ARG A 104 4.39 19.64 -5.36
C ARG A 104 3.53 18.61 -6.08
N MET A 105 2.26 18.51 -5.71
CA MET A 105 1.31 17.68 -6.45
CA MET A 105 1.32 17.67 -6.44
C MET A 105 1.32 18.04 -7.92
N HIS A 106 1.35 19.34 -8.21
CA HIS A 106 1.40 19.82 -9.57
C HIS A 106 2.76 19.58 -10.22
N LYS A 107 3.83 19.95 -9.51
CA LYS A 107 5.18 19.89 -10.09
C LYS A 107 5.64 18.45 -10.35
N SER A 108 5.12 17.51 -9.57
CA SER A 108 5.43 16.09 -9.76
C SER A 108 4.75 15.48 -10.99
N ARG A 109 3.85 16.24 -11.62
CA ARG A 109 3.05 15.79 -12.77
C ARG A 109 2.16 14.62 -12.39
N MET A 110 1.82 14.55 -11.09
CA MET A 110 1.04 13.46 -10.52
C MET A 110 -0.24 13.99 -9.85
N TYR A 111 -0.72 15.16 -10.26
CA TYR A 111 -1.78 15.80 -9.50
C TYR A 111 -3.02 14.90 -9.35
N SER A 112 -3.49 14.34 -10.47
CA SER A 112 -4.68 13.49 -10.46
C SER A 112 -4.53 12.27 -9.55
N GLN A 113 -3.34 11.67 -9.58
CA GLN A 113 -3.05 10.52 -8.73
C GLN A 113 -3.01 10.95 -7.26
N CYS A 114 -2.40 12.10 -6.99
CA CYS A 114 -2.33 12.63 -5.64
C CYS A 114 -3.72 12.96 -5.08
N VAL A 115 -4.63 13.44 -5.92
CA VAL A 115 -6.03 13.69 -5.52
C VAL A 115 -6.65 12.40 -4.98
N ARG A 116 -6.43 11.29 -5.69
CA ARG A 116 -6.98 10.01 -5.28
C ARG A 116 -6.38 9.53 -3.96
N MET A 117 -5.07 9.72 -3.81
CA MET A 117 -4.39 9.32 -2.58
C MET A 117 -4.83 10.18 -1.38
N ARG A 118 -5.01 11.47 -1.60
CA ARG A 118 -5.50 12.33 -0.53
C ARG A 118 -6.94 11.97 -0.14
N HIS A 119 -7.76 11.58 -1.10
CA HIS A 119 -9.12 11.14 -0.79
C HIS A 119 -9.07 9.90 0.12
N LEU A 120 -8.21 8.93 -0.22
CA LEU A 120 -7.99 7.77 0.65
C LEU A 120 -7.61 8.20 2.08
N SER A 121 -6.66 9.13 2.19
CA SER A 121 -6.24 9.62 3.50
C SER A 121 -7.42 10.23 4.30
N GLN A 122 -8.24 11.01 3.61
CA GLN A 122 -9.42 11.63 4.22
C GLN A 122 -10.43 10.59 4.73
N GLU A 123 -10.51 9.44 4.08
CA GLU A 123 -11.40 8.37 4.54
C GLU A 123 -11.05 7.87 5.94
N PHE A 124 -9.76 7.86 6.29
CA PHE A 124 -9.37 7.46 7.65
C PHE A 124 -10.03 8.35 8.71
N GLY A 125 -10.15 9.65 8.40
CA GLY A 125 -10.82 10.60 9.27
C GLY A 125 -12.33 10.46 9.21
N TRP A 126 -12.87 10.39 8.00
CA TRP A 126 -14.33 10.32 7.80
C TRP A 126 -14.94 9.10 8.46
N LEU A 127 -14.22 7.97 8.38
CA LEU A 127 -14.70 6.72 8.96
C LEU A 127 -14.22 6.49 10.40
N GLN A 128 -13.39 7.40 10.93
CA GLN A 128 -12.83 7.25 12.28
C GLN A 128 -12.13 5.88 12.44
N ILE A 129 -11.28 5.56 11.48
CA ILE A 129 -10.56 4.30 11.49
C ILE A 129 -9.62 4.26 12.69
N THR A 130 -9.64 3.17 13.45
CA THR A 130 -8.79 3.06 14.64
C THR A 130 -7.41 2.60 14.21
N PRO A 131 -6.38 2.89 15.02
CA PRO A 131 -5.06 2.40 14.64
C PRO A 131 -4.99 0.86 14.48
N GLN A 132 -5.82 0.15 15.24
CA GLN A 132 -5.86 -1.32 15.19
C GLN A 132 -6.59 -1.83 13.93
N GLU A 133 -7.67 -1.16 13.54
CA GLU A 133 -8.29 -1.44 12.24
C GLU A 133 -7.30 -1.19 11.12
N PHE A 134 -6.55 -0.09 11.21
CA PHE A 134 -5.55 0.20 10.19
C PHE A 134 -4.53 -0.93 10.06
N LEU A 135 -3.98 -1.38 11.18
CA LEU A 135 -2.97 -2.45 11.14
C LEU A 135 -3.52 -3.75 10.53
N CYS A 136 -4.73 -4.12 10.89
CA CYS A 136 -5.33 -5.37 10.38
CA CYS A 136 -5.32 -5.36 10.39
C CYS A 136 -5.68 -5.24 8.91
N MET A 137 -6.17 -4.08 8.51
CA MET A 137 -6.47 -3.83 7.10
C MET A 137 -5.20 -3.89 6.27
N LYS A 138 -4.12 -3.29 6.77
CA LYS A 138 -2.86 -3.29 6.03
C LYS A 138 -2.30 -4.70 5.87
N ALA A 139 -2.39 -5.50 6.91
CA ALA A 139 -1.95 -6.90 6.82
C ALA A 139 -2.77 -7.65 5.76
N LEU A 140 -4.08 -7.44 5.75
CA LEU A 140 -4.95 -8.10 4.75
C LEU A 140 -4.60 -7.63 3.33
N LEU A 141 -4.19 -6.38 3.18
CA LEU A 141 -3.83 -5.85 1.88
CA LEU A 141 -3.80 -5.84 1.87
C LEU A 141 -2.68 -6.63 1.22
N LEU A 142 -1.77 -7.19 2.02
CA LEU A 142 -0.71 -8.02 1.48
C LEU A 142 -1.26 -9.22 0.71
N PHE A 143 -2.39 -9.75 1.16
CA PHE A 143 -3.02 -10.92 0.57
C PHE A 143 -4.20 -10.57 -0.33
N SER A 144 -4.08 -9.47 -1.07
CA SER A 144 -5.20 -8.98 -1.88
C SER A 144 -4.88 -8.83 -3.39
N ILE A 145 -3.84 -9.46 -3.88
CA ILE A 145 -3.54 -9.41 -5.34
C ILE A 145 -2.70 -10.62 -5.75
N ILE A 146 -3.21 -11.41 -6.69
CA ILE A 146 -2.57 -12.68 -7.09
C ILE A 146 -2.71 -12.98 -8.58
N PRO A 147 -1.84 -13.86 -9.11
CA PRO A 147 -2.02 -14.26 -10.51
C PRO A 147 -3.37 -14.94 -10.76
N VAL A 148 -3.97 -14.64 -11.90
CA VAL A 148 -5.26 -15.24 -12.25
CA VAL A 148 -5.24 -15.24 -12.30
C VAL A 148 -5.11 -16.77 -12.39
N ASP A 149 -3.92 -17.23 -12.80
CA ASP A 149 -3.62 -18.66 -12.92
C ASP A 149 -3.19 -19.30 -11.59
N GLY A 150 -3.10 -18.50 -10.54
CA GLY A 150 -2.82 -19.00 -9.20
C GLY A 150 -1.35 -19.02 -8.84
N LEU A 151 -1.09 -19.19 -7.55
CA LEU A 151 0.26 -19.25 -7.00
C LEU A 151 0.78 -20.69 -7.04
N LYS A 152 2.06 -20.87 -6.67
CA LYS A 152 2.68 -22.20 -6.61
C LYS A 152 1.90 -23.13 -5.67
N ASN A 153 1.59 -22.64 -4.48
CA ASN A 153 0.61 -23.31 -3.61
C ASN A 153 -0.48 -22.35 -3.18
N GLN A 154 -1.54 -22.31 -3.99
CA GLN A 154 -2.66 -21.42 -3.76
C GLN A 154 -3.42 -21.76 -2.48
N LYS A 155 -3.47 -23.04 -2.09
CA LYS A 155 -4.20 -23.43 -0.86
C LYS A 155 -3.69 -22.72 0.39
N PHE A 156 -2.37 -22.65 0.54
CA PHE A 156 -1.79 -22.00 1.72
C PHE A 156 -2.11 -20.51 1.73
N PHE A 157 -2.10 -19.90 0.55
CA PHE A 157 -2.47 -18.49 0.43
C PHE A 157 -3.93 -18.26 0.81
N ASP A 158 -4.82 -19.09 0.28
CA ASP A 158 -6.26 -18.91 0.53
C ASP A 158 -6.58 -19.03 2.02
N GLU A 159 -5.91 -19.96 2.69
CA GLU A 159 -6.08 -20.14 4.13
C GLU A 159 -5.59 -18.92 4.91
N LEU A 160 -4.44 -18.38 4.52
CA LEU A 160 -3.92 -17.17 5.15
C LEU A 160 -4.88 -16.01 4.99
N ARG A 161 -5.33 -15.77 3.76
CA ARG A 161 -6.26 -14.68 3.51
C ARG A 161 -7.51 -14.84 4.37
N MET A 162 -8.07 -16.04 4.38
CA MET A 162 -9.24 -16.32 5.21
C MET A 162 -9.00 -15.89 6.66
N ASN A 163 -7.85 -16.26 7.22
CA ASN A 163 -7.59 -15.97 8.62
C ASN A 163 -7.39 -14.47 8.88
N TYR A 164 -6.78 -13.77 7.93
CA TYR A 164 -6.61 -12.32 8.06
C TYR A 164 -7.95 -11.58 7.94
N ILE A 165 -8.89 -12.12 7.16
CA ILE A 165 -10.24 -11.54 7.13
C ILE A 165 -10.90 -11.73 8.50
N LYS A 166 -10.76 -12.92 9.08
CA LYS A 166 -11.37 -13.20 10.37
CA LYS A 166 -11.35 -13.23 10.39
C LYS A 166 -10.78 -12.31 11.47
N GLU A 167 -9.48 -12.04 11.42
CA GLU A 167 -8.85 -11.18 12.43
C GLU A 167 -9.32 -9.74 12.33
N LEU A 168 -9.51 -9.26 11.10
CA LEU A 168 -10.08 -7.91 10.90
C LEU A 168 -11.48 -7.82 11.46
N ASP A 169 -12.30 -8.81 11.15
CA ASP A 169 -13.68 -8.85 11.63
C ASP A 169 -13.72 -8.84 13.16
N ARG A 170 -12.75 -9.51 13.80
CA ARG A 170 -12.69 -9.61 15.25
C ARG A 170 -12.54 -8.25 15.94
N ILE A 171 -11.78 -7.35 15.34
CA ILE A 171 -11.45 -6.09 16.04
C ILE A 171 -12.08 -4.82 15.49
N ILE A 172 -13.00 -4.92 14.53
CA ILE A 172 -13.65 -3.71 14.02
C ILE A 172 -14.38 -2.98 15.15
N ALA A 173 -14.39 -1.66 15.03
CA ALA A 173 -14.97 -0.79 16.04
C ALA A 173 -16.48 -0.74 15.83
N CYS A 174 -17.21 -1.49 16.66
CA CYS A 174 -18.66 -1.53 16.59
C CYS A 174 -19.22 -2.02 17.91
N ALA A 175 -20.54 -1.86 18.07
CA ALA A 175 -21.24 -2.35 19.25
C ALA A 175 -21.83 -3.71 18.93
N ARG A 176 -21.26 -4.77 19.52
CA ARG A 176 -21.66 -6.15 19.20
C ARG A 176 -23.10 -6.48 19.56
N LYS A 177 -23.63 -5.87 20.62
CA LYS A 177 -25.02 -6.09 21.03
C LYS A 177 -26.04 -5.54 20.02
N ASN A 178 -25.55 -4.72 19.09
CA ASN A 178 -26.30 -4.32 17.90
C ASN A 178 -25.58 -4.85 16.63
N PRO A 179 -26.03 -6.01 16.11
CA PRO A 179 -25.42 -6.63 14.92
C PRO A 179 -25.38 -5.74 13.67
N THR A 180 -26.36 -4.84 13.53
CA THR A 180 -26.37 -3.87 12.44
C THR A 180 -25.13 -2.98 12.44
N SER A 181 -24.69 -2.58 13.64
CA SER A 181 -23.50 -1.75 13.79
C SER A 181 -22.26 -2.42 13.20
N CYS A 182 -22.04 -3.69 13.56
CA CYS A 182 -20.85 -4.40 13.10
C CYS A 182 -20.93 -4.75 11.63
N SER A 183 -22.13 -5.08 11.13
CA SER A 183 -22.33 -5.31 9.70
C SER A 183 -22.00 -4.05 8.89
N ARG A 184 -22.50 -2.91 9.33
CA ARG A 184 -22.23 -1.63 8.68
C ARG A 184 -20.73 -1.36 8.68
N ARG A 185 -20.08 -1.59 9.81
CA ARG A 185 -18.65 -1.30 9.92
C ARG A 185 -17.83 -2.19 8.98
N PHE A 186 -18.15 -3.49 8.94
CA PHE A 186 -17.41 -4.40 8.07
C PHE A 186 -17.59 -4.01 6.61
N TYR A 187 -18.81 -3.64 6.24
CA TYR A 187 -19.08 -3.15 4.88
C TYR A 187 -18.20 -1.94 4.56
N GLN A 188 -18.18 -0.97 5.45
CA GLN A 188 -17.38 0.24 5.24
C GLN A 188 -15.90 -0.06 5.04
N LEU A 189 -15.35 -0.94 5.86
CA LEU A 189 -13.92 -1.22 5.80
C LEU A 189 -13.53 -2.04 4.58
N THR A 190 -14.38 -2.98 4.17
CA THR A 190 -14.14 -3.73 2.93
C THR A 190 -14.24 -2.83 1.69
N LYS A 191 -15.16 -1.87 1.72
CA LYS A 191 -15.21 -0.86 0.66
C LYS A 191 -13.94 -0.03 0.63
N LEU A 192 -13.46 0.38 1.80
CA LEU A 192 -12.23 1.18 1.88
C LEU A 192 -11.05 0.40 1.32
N LEU A 193 -10.91 -0.87 1.72
CA LEU A 193 -9.84 -1.71 1.21
C LEU A 193 -9.90 -1.88 -0.31
N ASP A 194 -11.09 -2.16 -0.83
CA ASP A 194 -11.23 -2.24 -2.29
C ASP A 194 -10.73 -0.98 -2.98
N SER A 195 -10.96 0.18 -2.37
CA SER A 195 -10.64 1.47 -3.00
C SER A 195 -9.14 1.71 -3.15
N VAL A 196 -8.33 0.95 -2.43
CA VAL A 196 -6.88 1.04 -2.58
C VAL A 196 -6.44 0.53 -3.95
N GLN A 197 -7.14 -0.46 -4.47
CA GLN A 197 -6.66 -1.14 -5.68
C GLN A 197 -6.64 -0.25 -6.93
N PRO A 198 -7.69 0.53 -7.18
CA PRO A 198 -7.61 1.40 -8.36
C PRO A 198 -6.53 2.46 -8.23
N ILE A 199 -6.25 2.89 -6.99
CA ILE A 199 -5.19 3.86 -6.75
C ILE A 199 -3.83 3.22 -7.05
N ALA A 200 -3.62 2.01 -6.53
CA ALA A 200 -2.38 1.29 -6.82
C ALA A 200 -2.21 1.08 -8.32
N ARG A 201 -3.29 0.79 -9.03
CA ARG A 201 -3.21 0.61 -10.49
C ARG A 201 -2.75 1.90 -11.18
N GLU A 202 -3.30 3.04 -10.78
CA GLU A 202 -2.88 4.32 -11.37
C GLU A 202 -1.40 4.57 -11.11
N LEU A 203 -0.94 4.25 -9.91
CA LEU A 203 0.47 4.42 -9.58
C LEU A 203 1.35 3.44 -10.35
N HIS A 204 0.88 2.20 -10.51
CA HIS A 204 1.60 1.22 -11.33
C HIS A 204 1.78 1.73 -12.76
N GLN A 205 0.69 2.25 -13.32
CA GLN A 205 0.73 2.80 -14.68
C GLN A 205 1.72 3.94 -14.80
N PHE A 206 1.63 4.88 -13.86
CA PHE A 206 2.47 6.06 -13.88
C PHE A 206 3.94 5.70 -13.76
N THR A 207 4.25 4.82 -12.80
CA THR A 207 5.62 4.44 -12.51
CA THR A 207 5.64 4.49 -12.53
C THR A 207 6.21 3.65 -13.67
N PHE A 208 5.42 2.76 -14.25
CA PHE A 208 5.87 2.00 -15.43
C PHE A 208 6.21 2.94 -16.58
N ASP A 209 5.29 3.85 -16.89
CA ASP A 209 5.51 4.79 -17.98
C ASP A 209 6.75 5.65 -17.73
N LEU A 210 6.95 6.05 -16.48
CA LEU A 210 8.10 6.85 -16.12
C LEU A 210 9.41 6.07 -16.26
N LEU A 211 9.42 4.80 -15.86
CA LEU A 211 10.63 3.97 -16.05
C LEU A 211 10.99 3.90 -17.52
N ILE A 212 10.01 3.66 -18.37
CA ILE A 212 10.26 3.53 -19.81
C ILE A 212 10.86 4.82 -20.38
N LYS A 213 10.39 5.98 -19.92
CA LYS A 213 10.91 7.26 -20.44
C LYS A 213 11.99 7.92 -19.56
N SER A 214 12.49 7.19 -18.56
CA SER A 214 13.28 7.80 -17.48
C SER A 214 14.56 8.48 -17.97
N HIS A 215 15.20 7.88 -18.98
CA HIS A 215 16.39 8.46 -19.61
C HIS A 215 16.16 9.81 -20.31
N MET A 216 14.91 10.11 -20.69
CA MET A 216 14.56 11.35 -21.38
C MET A 216 14.25 12.50 -20.41
N VAL A 217 13.82 12.15 -19.19
CA VAL A 217 13.38 13.15 -18.21
C VAL A 217 14.29 13.23 -16.97
N SER A 218 15.46 12.59 -17.02
CA SER A 218 16.46 12.67 -15.94
C SER A 218 15.92 12.22 -14.57
N VAL A 219 15.18 11.11 -14.56
CA VAL A 219 14.67 10.53 -13.32
C VAL A 219 15.41 9.23 -13.04
N ASP A 220 15.95 9.10 -11.83
CA ASP A 220 16.70 7.89 -11.43
C ASP A 220 15.81 6.84 -10.77
N PHE A 221 15.95 5.60 -11.20
CA PHE A 221 15.28 4.44 -10.60
C PHE A 221 16.32 3.50 -9.96
N PRO A 222 16.24 3.28 -8.64
CA PRO A 222 17.11 2.29 -8.00
C PRO A 222 16.87 0.84 -8.46
N GLU A 223 17.84 -0.02 -8.16
CA GLU A 223 17.91 -1.38 -8.72
C GLU A 223 16.71 -2.26 -8.44
N MET A 224 16.36 -2.43 -7.16
CA MET A 224 15.28 -3.34 -6.80
C MET A 224 13.96 -2.78 -7.32
N MET A 225 13.81 -1.46 -7.17
CA MET A 225 12.67 -0.69 -7.69
CA MET A 225 12.71 -0.67 -7.74
C MET A 225 12.44 -1.08 -9.16
N ALA A 226 13.45 -0.88 -9.99
CA ALA A 226 13.37 -1.04 -11.44
C ALA A 226 13.04 -2.46 -11.86
N GLU A 227 13.55 -3.45 -11.13
CA GLU A 227 13.26 -4.84 -11.44
C GLU A 227 11.80 -5.15 -11.23
N ILE A 228 11.25 -4.76 -10.09
CA ILE A 228 9.83 -4.99 -9.84
C ILE A 228 8.98 -4.30 -10.92
N ILE A 229 9.33 -3.07 -11.27
CA ILE A 229 8.53 -2.29 -12.22
C ILE A 229 8.60 -2.87 -13.65
N SER A 230 9.71 -3.47 -14.02
CA SER A 230 9.85 -4.05 -15.37
C SER A 230 9.47 -5.54 -15.47
N VAL A 231 9.42 -6.25 -14.33
CA VAL A 231 9.15 -7.69 -14.35
C VAL A 231 7.78 -8.04 -13.77
N GLN A 232 7.46 -7.49 -12.62
CA GLN A 232 6.23 -7.83 -11.91
C GLN A 232 5.07 -6.89 -12.27
N VAL A 233 5.33 -5.58 -12.28
CA VAL A 233 4.26 -4.62 -12.56
C VAL A 233 3.56 -4.86 -13.90
N PRO A 234 4.30 -5.20 -14.98
CA PRO A 234 3.59 -5.46 -16.23
C PRO A 234 2.66 -6.68 -16.20
N LYS A 235 2.91 -7.63 -15.30
CA LYS A 235 1.98 -8.75 -15.13
C LYS A 235 0.65 -8.25 -14.58
N ILE A 236 0.70 -7.23 -13.72
CA ILE A 236 -0.51 -6.58 -13.23
C ILE A 236 -1.18 -5.78 -14.35
N LEU A 237 -0.41 -4.95 -15.04
CA LEU A 237 -0.97 -4.06 -16.04
C LEU A 237 -1.54 -4.81 -17.23
N SER A 238 -1.00 -5.99 -17.54
CA SER A 238 -1.51 -6.81 -18.64
C SER A 238 -2.64 -7.75 -18.23
N GLY A 239 -3.00 -7.75 -16.94
CA GLY A 239 -4.13 -8.54 -16.45
C GLY A 239 -3.83 -9.98 -16.08
N LYS A 240 -2.56 -10.35 -16.05
CA LYS A 240 -2.18 -11.69 -15.58
C LYS A 240 -2.28 -11.82 -14.07
N VAL A 241 -2.08 -10.71 -13.37
CA VAL A 241 -2.15 -10.64 -11.90
C VAL A 241 -3.21 -9.61 -11.59
N LYS A 242 -4.20 -9.98 -10.78
CA LYS A 242 -5.36 -9.13 -10.54
C LYS A 242 -5.65 -8.97 -9.07
N PRO A 243 -6.14 -7.79 -8.67
CA PRO A 243 -6.57 -7.61 -7.29
C PRO A 243 -7.74 -8.52 -6.95
N ILE A 244 -7.80 -8.90 -5.66
CA ILE A 244 -8.94 -9.58 -5.10
C ILE A 244 -9.82 -8.51 -4.46
N TYR A 245 -11.03 -8.34 -5.00
CA TYR A 245 -12.00 -7.38 -4.48
C TYR A 245 -13.02 -8.08 -3.58
N PHE A 246 -13.46 -7.39 -2.55
CA PHE A 246 -14.60 -7.84 -1.77
C PHE A 246 -15.90 -7.69 -2.54
N HIS A 247 -16.10 -6.52 -3.15
CA HIS A 247 -17.34 -6.19 -3.82
C HIS A 247 -17.11 -6.14 -5.31
N THR A 248 -18.16 -6.38 -6.08
CA THR A 248 -18.01 -6.47 -7.53
C THR A 248 -17.92 -5.04 -8.09
N GLN A 249 -16.86 -4.75 -8.85
CA GLN A 249 -16.57 -3.41 -9.33
C GLN A 249 -17.36 -3.09 -10.60
C1 GOL B . 4.60 24.77 -14.41
O1 GOL B . 4.37 23.38 -14.19
C2 GOL B . 5.12 25.02 -15.84
O2 GOL B . 4.04 24.90 -16.77
C3 GOL B . 6.23 24.05 -16.23
O3 GOL B . 7.43 24.30 -15.48
C1 GOL C . 9.48 21.12 -14.05
O1 GOL C . 10.65 20.49 -13.49
C2 GOL C . 8.24 20.30 -13.66
O2 GOL C . 8.02 20.30 -12.25
C3 GOL C . 6.98 20.85 -14.27
O3 GOL C . 6.09 19.77 -14.51
C1 GOL D . 9.69 -3.24 10.58
O1 GOL D . 9.36 -4.45 11.23
C2 GOL D . 10.79 -3.54 9.56
O2 GOL D . 10.49 -2.86 8.35
C3 GOL D . 12.14 -3.10 10.13
O3 GOL D . 13.18 -3.88 9.55
C5 97A E . 7.19 7.07 -8.30
C5 97A E . 7.32 6.95 -8.20
C8 97A E . 5.67 6.97 -8.53
C8 97A E . 5.82 7.29 -8.34
C13 97A E . 7.09 6.27 -4.09
C13 97A E . 7.14 6.14 -3.95
C15 97A E . 5.69 6.04 -2.13
C15 97A E . 5.70 5.91 -2.04
C20 97A E . 3.14 5.91 -2.42
C20 97A E . 3.17 5.99 -2.30
C1 97A E . 7.30 3.78 -6.29
C1 97A E . 8.46 3.89 -7.51
C2 97A E . 7.49 4.70 -7.49
C2 97A E . 7.08 4.57 -7.40
C3 97A E . 7.35 6.17 -7.06
C3 97A E . 7.31 6.01 -6.96
O7 97A E . 7.90 6.59 -9.45
O7 97A E . 7.79 6.28 -9.37
C9 97A E . 5.15 6.89 -7.12
C9 97A E . 5.33 7.22 -6.90
O10 97A E . 4.03 7.20 -6.79
O10 97A E . 4.32 7.76 -6.50
N11 97A E . 6.11 6.41 -6.29
N11 97A E . 6.17 6.49 -6.15
C12 97A E . 5.97 6.26 -4.90
C12 97A E . 6.02 6.28 -4.77
C14 97A E . 6.96 6.15 -2.72
C14 97A E . 6.99 5.96 -2.60
C16 97A E . 5.60 5.92 -0.71
C16 97A E . 5.59 5.72 -0.62
N17 97A E . 5.55 5.83 0.43
N17 97A E . 5.51 5.56 0.50
C18 97A E . 4.55 6.04 -2.96
C18 97A E . 4.57 6.05 -2.86
C19 97A E . 4.70 6.15 -4.33
C19 97A E . 4.75 6.23 -4.21
F21 97A E . 2.27 6.65 -3.21
F21 97A E . 2.27 6.31 -3.32
F22 97A E . 2.74 4.57 -2.47
F22 97A E . 2.86 4.70 -1.89
F23 97A E . 3.02 6.36 -1.11
F23 97A E . 2.99 6.85 -1.24
#